data_8WGT
#
_entry.id   8WGT
#
_cell.length_a   43.536
_cell.length_b   85.273
_cell.length_c   63.790
_cell.angle_alpha   90.00
_cell.angle_beta   90.00
_cell.angle_gamma   90.00
#
_symmetry.space_group_name_H-M   'P 21 21 2'
#
loop_
_entity.id
_entity.type
_entity.pdbx_description
1 polymer Transthyretin
2 non-polymer [4,7-bis(chloranyl)-2-ethyl-1-benzofuran-3-yl]-[3,5-bis(iodanyl)-4-oxidanyl-phenyl]methanone
3 water water
#
_entity_poly.entity_id   1
_entity_poly.type   'polypeptide(L)'
_entity_poly.pdbx_seq_one_letter_code
;MRGSHHHHHHGSMASHRLLLLCLAGLVFVSEAGPTGTGESKCPLMVKVLDAVRGSPAINVAMHVFRKAADDTWEPFASGK
TSESGELHGLTTEEEFVEGIYKVEIDTKSYWKALGISPFHEHAEVVFTANDSGPRRYTIAALLSPYSYSTTAVVTNPKE
;
_entity_poly.pdbx_strand_id   A,B
#
loop_
_chem_comp.id
_chem_comp.type
_chem_comp.name
_chem_comp.formula
WGJ non-polymer [4,7-bis(chloranyl)-2-ethyl-1-benzofuran-3-yl]-[3,5-bis(iodanyl)-4-oxidanyl-phenyl]methanone 'C17 H10 Cl2 I2 O3'
#
# COMPACT_ATOMS: atom_id res chain seq x y z
N CYS A 42 1.53 4.10 24.11
CA CYS A 42 1.59 4.49 22.71
C CYS A 42 0.77 3.53 21.86
N PRO A 43 -0.39 3.99 21.38
CA PRO A 43 -1.30 3.10 20.65
C PRO A 43 -1.07 3.01 19.15
N LEU A 44 -0.26 3.88 18.58
CA LEU A 44 0.00 3.83 17.14
C LEU A 44 1.48 4.16 16.92
N MET A 45 2.27 3.16 16.53
CA MET A 45 3.68 3.35 16.24
C MET A 45 3.97 2.79 14.85
N VAL A 46 5.00 3.32 14.20
CA VAL A 46 5.40 2.85 12.86
C VAL A 46 6.88 2.52 12.90
N LYS A 47 7.26 1.43 12.22
CA LYS A 47 8.65 1.06 12.11
C LYS A 47 8.95 0.75 10.65
N VAL A 48 10.08 1.26 10.15
CA VAL A 48 10.45 1.15 8.75
C VAL A 48 11.88 0.65 8.67
N LEU A 49 12.09 -0.38 7.87
CA LEU A 49 13.41 -0.95 7.66
C LEU A 49 13.79 -0.86 6.19
N ASP A 50 15.10 -0.86 5.95
CA ASP A 50 15.69 -0.81 4.62
C ASP A 50 16.26 -2.21 4.28
N ALA A 51 15.70 -2.84 3.23
CA ALA A 51 16.08 -4.19 2.82
C ALA A 51 17.33 -4.23 1.92
N VAL A 52 17.80 -3.07 1.47
CA VAL A 52 19.05 -2.99 0.72
C VAL A 52 20.25 -2.91 1.66
N ARG A 53 20.19 -2.02 2.65
CA ARG A 53 21.30 -1.81 3.56
C ARG A 53 21.20 -2.66 4.83
N GLY A 54 20.04 -3.25 5.10
CA GLY A 54 19.89 -4.05 6.30
C GLY A 54 19.93 -3.17 7.54
N SER A 55 19.13 -2.12 7.54
CA SER A 55 19.25 -1.09 8.57
C SER A 55 17.88 -0.47 8.77
N PRO A 56 17.68 0.26 9.86
CA PRO A 56 16.48 1.10 9.96
C PRO A 56 16.47 2.08 8.79
N ALA A 57 15.28 2.46 8.36
CA ALA A 57 15.10 3.52 7.37
C ALA A 57 14.87 4.80 8.15
N ILE A 58 15.88 5.68 8.16
CA ILE A 58 15.92 6.86 9.02
C ILE A 58 15.36 8.05 8.26
N ASN A 59 14.67 8.93 8.99
CA ASN A 59 14.17 10.20 8.45
C ASN A 59 13.12 9.99 7.37
N VAL A 60 12.34 8.93 7.47
CA VAL A 60 11.26 8.69 6.52
C VAL A 60 10.03 9.45 7.01
N ALA A 61 9.55 10.36 6.17
CA ALA A 61 8.36 11.13 6.51
C ALA A 61 7.11 10.31 6.26
N MET A 62 6.09 10.55 7.08
CA MET A 62 4.80 9.91 6.81
C MET A 62 3.70 10.77 7.38
N HIS A 63 2.53 10.66 6.77
CA HIS A 63 1.32 11.36 7.21
C HIS A 63 0.22 10.34 7.49
N VAL A 64 -0.50 10.57 8.58
CA VAL A 64 -1.61 9.70 8.98
C VAL A 64 -2.90 10.49 8.76
N PHE A 65 -3.90 9.81 8.19
CA PHE A 65 -5.20 10.42 7.93
C PHE A 65 -6.27 9.54 8.56
N ARG A 66 -7.41 10.16 8.84
CA ARG A 66 -8.55 9.43 9.36
C ARG A 66 -9.76 9.76 8.50
N LYS A 67 -10.54 8.74 8.16
CA LYS A 67 -11.68 8.97 7.29
C LYS A 67 -12.81 9.64 8.06
N ALA A 68 -13.27 10.79 7.54
CA ALA A 68 -14.31 11.56 8.20
C ALA A 68 -15.70 11.00 7.86
N ALA A 69 -16.70 11.52 8.57
CA ALA A 69 -18.08 11.10 8.33
C ALA A 69 -18.52 11.44 6.92
N ASP A 70 -17.96 12.48 6.31
CA ASP A 70 -18.25 12.80 4.91
C ASP A 70 -17.41 12.00 3.91
N ASP A 71 -16.63 11.02 4.38
CA ASP A 71 -15.81 10.13 3.57
C ASP A 71 -14.55 10.76 2.99
N THR A 72 -14.18 11.96 3.43
CA THR A 72 -12.89 12.52 3.04
C THR A 72 -11.82 12.10 4.05
N TRP A 73 -10.56 12.17 3.61
CA TRP A 73 -9.42 11.87 4.48
C TRP A 73 -9.03 13.13 5.24
N GLU A 74 -9.21 13.10 6.55
CA GLU A 74 -8.77 14.29 7.29
C GLU A 74 -7.38 14.06 7.88
N PRO A 75 -6.51 15.07 7.87
CA PRO A 75 -5.20 14.92 8.53
C PRO A 75 -5.36 14.53 9.99
N PHE A 76 -4.55 13.57 10.44
CA PHE A 76 -4.62 13.10 11.81
C PHE A 76 -3.32 13.30 12.58
N ALA A 77 -2.19 12.96 11.99
CA ALA A 77 -0.89 13.13 12.64
C ALA A 77 0.19 12.94 11.59
N SER A 78 1.41 13.39 11.90
CA SER A 78 2.52 13.18 10.97
C SER A 78 3.84 13.18 11.73
N GLY A 79 4.89 12.71 11.06
CA GLY A 79 6.20 12.68 11.69
C GLY A 79 7.19 11.98 10.79
N LYS A 80 8.39 11.80 11.31
CA LYS A 80 9.44 11.13 10.55
C LYS A 80 10.13 10.11 11.44
N THR A 81 10.66 9.07 10.82
CA THR A 81 11.32 8.03 11.59
C THR A 81 12.63 8.54 12.16
N SER A 82 12.96 8.00 13.34
CA SER A 82 14.15 8.34 14.09
C SER A 82 15.31 7.49 13.57
N GLU A 83 16.46 7.60 14.26
CA GLU A 83 17.61 6.78 13.94
C GLU A 83 17.33 5.29 14.09
N SER A 84 16.32 4.91 14.87
CA SER A 84 15.93 3.51 15.00
C SER A 84 14.90 3.07 13.96
N GLY A 85 14.55 3.96 13.02
CA GLY A 85 13.52 3.68 12.03
C GLY A 85 12.11 3.68 12.59
N GLU A 86 11.91 4.25 13.78
CA GLU A 86 10.63 4.21 14.47
C GLU A 86 10.04 5.61 14.59
N LEU A 87 8.72 5.66 14.61
CA LEU A 87 8.00 6.90 14.83
C LEU A 87 6.97 6.65 15.92
N HIS A 88 7.14 7.34 17.04
CA HIS A 88 6.33 7.22 18.23
C HIS A 88 5.61 8.53 18.48
N GLY A 89 4.65 8.49 19.40
CA GLY A 89 4.02 9.71 19.85
C GLY A 89 3.05 10.34 18.89
N LEU A 90 2.53 9.57 17.92
CA LEU A 90 1.62 10.15 16.95
C LEU A 90 0.29 10.55 17.58
N THR A 91 -0.20 9.77 18.54
CA THR A 91 -1.54 10.03 19.08
C THR A 91 -1.60 9.56 20.54
N THR A 92 -2.82 9.53 21.09
CA THR A 92 -3.06 9.08 22.45
C THR A 92 -4.26 8.14 22.44
N GLU A 93 -4.41 7.35 23.51
CA GLU A 93 -5.57 6.46 23.55
C GLU A 93 -6.88 7.23 23.44
N GLU A 94 -6.97 8.41 24.05
CA GLU A 94 -8.24 9.15 23.99
C GLU A 94 -8.53 9.67 22.59
N GLU A 95 -7.51 10.17 21.88
CA GLU A 95 -7.74 10.75 20.57
C GLU A 95 -7.94 9.68 19.48
N PHE A 96 -7.30 8.52 19.65
CA PHE A 96 -7.27 7.47 18.63
C PHE A 96 -8.55 6.62 18.73
N VAL A 97 -9.65 7.24 18.35
CA VAL A 97 -10.96 6.59 18.42
C VAL A 97 -11.11 5.59 17.28
N GLU A 98 -12.18 4.79 17.32
CA GLU A 98 -12.53 3.93 16.19
C GLU A 98 -12.54 4.71 14.90
N GLY A 99 -12.16 4.05 13.83
CA GLY A 99 -12.27 4.67 12.53
C GLY A 99 -11.35 3.98 11.55
N ILE A 100 -11.38 4.49 10.34
CA ILE A 100 -10.50 4.01 9.28
C ILE A 100 -9.36 5.00 9.14
N TYR A 101 -8.14 4.48 9.24
CA TYR A 101 -6.94 5.30 9.23
C TYR A 101 -6.08 4.92 8.05
N LYS A 102 -5.36 5.90 7.51
CA LYS A 102 -4.42 5.67 6.41
C LYS A 102 -3.06 6.20 6.81
N VAL A 103 -2.03 5.37 6.72
CA VAL A 103 -0.65 5.81 6.91
C VAL A 103 0.00 5.87 5.54
N GLU A 104 0.45 7.05 5.16
CA GLU A 104 1.06 7.30 3.86
C GLU A 104 2.54 7.55 4.13
N ILE A 105 3.37 6.59 3.74
CA ILE A 105 4.80 6.59 4.04
C ILE A 105 5.55 7.07 2.80
N ASP A 106 6.31 8.15 2.93
CA ASP A 106 6.96 8.78 1.77
C ASP A 106 8.24 8.02 1.48
N THR A 107 8.06 6.85 0.86
CA THR A 107 9.19 6.02 0.48
C THR A 107 9.98 6.61 -0.68
N LYS A 108 9.31 7.36 -1.56
CA LYS A 108 9.99 7.89 -2.74
C LYS A 108 11.11 8.85 -2.32
N SER A 109 10.82 9.79 -1.42
CA SER A 109 11.85 10.73 -0.99
C SER A 109 13.00 10.01 -0.30
N TYR A 110 12.69 8.96 0.47
CA TYR A 110 13.72 8.13 1.07
C TYR A 110 14.70 7.61 0.03
N TRP A 111 14.19 6.95 -1.01
CA TRP A 111 15.08 6.34 -1.99
C TRP A 111 15.81 7.41 -2.81
N LYS A 112 15.12 8.49 -3.14
CA LYS A 112 15.74 9.53 -3.97
C LYS A 112 16.94 10.14 -3.29
N ALA A 113 16.87 10.33 -1.97
CA ALA A 113 17.99 10.91 -1.24
C ALA A 113 19.18 9.97 -1.19
N LEU A 114 18.96 8.69 -1.44
CA LEU A 114 20.01 7.69 -1.55
C LEU A 114 20.48 7.50 -2.98
N GLY A 115 19.99 8.32 -3.90
CA GLY A 115 20.39 8.25 -5.31
C GLY A 115 19.56 7.32 -6.16
N ILE A 116 18.49 6.75 -5.62
CA ILE A 116 17.73 5.68 -6.26
C ILE A 116 16.39 6.24 -6.72
N SER A 117 16.00 5.91 -7.95
CA SER A 117 14.67 6.26 -8.42
C SER A 117 13.76 5.06 -8.24
N PRO A 118 12.89 5.05 -7.22
CA PRO A 118 12.15 3.84 -6.88
C PRO A 118 10.86 3.76 -7.69
N PHE A 119 10.19 2.61 -7.57
CA PHE A 119 8.98 2.37 -8.33
C PHE A 119 7.79 3.10 -7.71
N HIS A 120 7.63 2.99 -6.40
CA HIS A 120 6.41 3.46 -5.75
C HIS A 120 6.48 4.95 -5.39
N GLU A 121 5.33 5.62 -5.49
CA GLU A 121 5.26 7.00 -5.01
C GLU A 121 5.29 7.05 -3.49
N HIS A 122 4.59 6.13 -2.85
CA HIS A 122 4.58 6.03 -1.41
C HIS A 122 4.05 4.65 -1.07
N ALA A 123 4.16 4.29 0.20
CA ALA A 123 3.55 3.07 0.71
C ALA A 123 2.35 3.50 1.52
N GLU A 124 1.19 2.95 1.18
CA GLU A 124 -0.07 3.27 1.81
C GLU A 124 -0.49 2.10 2.69
N VAL A 125 -0.91 2.39 3.91
CA VAL A 125 -1.45 1.35 4.79
C VAL A 125 -2.79 1.87 5.32
N VAL A 126 -3.87 1.18 5.01
CA VAL A 126 -5.21 1.64 5.35
C VAL A 126 -5.89 0.56 6.16
N PHE A 127 -6.43 0.92 7.32
CA PHE A 127 -6.96 -0.11 8.21
C PHE A 127 -8.01 0.49 9.11
N THR A 128 -8.92 -0.38 9.58
CA THR A 128 -9.86 -0.01 10.64
C THR A 128 -9.19 -0.25 11.99
N ALA A 129 -9.28 0.72 12.89
CA ALA A 129 -8.67 0.57 14.19
C ALA A 129 -9.73 0.66 15.28
N ASN A 130 -9.55 -0.15 16.32
CA ASN A 130 -10.26 -0.02 17.59
C ASN A 130 -11.72 -0.40 17.48
N ASP A 131 -12.05 -1.19 16.46
CA ASP A 131 -13.43 -1.60 16.20
C ASP A 131 -13.96 -2.53 17.27
N SER A 132 -13.08 -3.25 17.97
CA SER A 132 -13.46 -4.12 19.07
C SER A 132 -12.94 -3.61 20.41
N GLY A 133 -12.75 -2.30 20.52
CA GLY A 133 -12.15 -1.70 21.69
C GLY A 133 -10.72 -1.28 21.40
N PRO A 134 -10.10 -0.60 22.36
CA PRO A 134 -8.75 -0.05 22.11
C PRO A 134 -7.72 -1.14 21.93
N ARG A 135 -6.84 -0.94 20.95
CA ARG A 135 -5.70 -1.82 20.73
C ARG A 135 -4.46 -0.96 20.50
N ARG A 136 -3.30 -1.58 20.61
CA ARG A 136 -2.03 -0.94 20.27
C ARG A 136 -1.59 -1.48 18.91
N TYR A 137 -1.22 -0.58 18.00
CA TYR A 137 -0.89 -0.96 16.64
C TYR A 137 0.54 -0.56 16.33
N THR A 138 1.31 -1.51 15.81
CA THR A 138 2.59 -1.21 15.16
C THR A 138 2.41 -1.51 13.68
N ILE A 139 2.59 -0.48 12.85
CA ILE A 139 2.59 -0.61 11.40
C ILE A 139 4.05 -0.70 10.99
N ALA A 140 4.42 -1.76 10.29
CA ALA A 140 5.79 -1.96 9.86
C ALA A 140 5.86 -2.06 8.34
N ALA A 141 6.95 -1.52 7.77
CA ALA A 141 7.19 -1.61 6.34
C ALA A 141 8.66 -1.93 6.13
N LEU A 142 8.94 -2.87 5.23
CA LEU A 142 10.30 -3.22 4.82
C LEU A 142 10.47 -2.80 3.37
N LEU A 143 11.42 -1.90 3.09
CA LEU A 143 11.50 -1.21 1.80
C LEU A 143 12.65 -1.70 0.93
N SER A 144 12.36 -1.85 -0.35
CA SER A 144 13.32 -2.04 -1.43
C SER A 144 12.90 -1.10 -2.55
N PRO A 145 13.78 -0.82 -3.50
CA PRO A 145 13.42 0.19 -4.51
C PRO A 145 12.19 -0.16 -5.31
N TYR A 146 11.98 -1.44 -5.62
CA TYR A 146 10.83 -1.82 -6.44
C TYR A 146 9.79 -2.63 -5.67
N SER A 147 9.89 -2.68 -4.35
CA SER A 147 9.05 -3.59 -3.61
C SER A 147 8.99 -3.13 -2.16
N TYR A 148 7.87 -3.40 -1.51
CA TYR A 148 7.88 -3.29 -0.07
C TYR A 148 6.93 -4.33 0.50
N SER A 149 7.19 -4.71 1.74
CA SER A 149 6.27 -5.53 2.49
C SER A 149 5.75 -4.69 3.65
N THR A 150 4.54 -4.99 4.09
CA THR A 150 4.02 -4.28 5.25
C THR A 150 3.22 -5.27 6.09
N THR A 151 3.31 -5.10 7.40
CA THR A 151 2.57 -5.94 8.31
C THR A 151 2.10 -5.09 9.47
N ALA A 152 1.31 -5.69 10.34
CA ALA A 152 0.84 -4.99 11.53
C ALA A 152 0.95 -5.93 12.71
N VAL A 153 1.33 -5.37 13.85
CA VAL A 153 1.34 -6.08 15.13
C VAL A 153 0.32 -5.39 16.03
N VAL A 154 -0.71 -6.13 16.42
CA VAL A 154 -1.85 -5.57 17.14
C VAL A 154 -1.94 -6.28 18.48
N THR A 155 -1.87 -5.50 19.56
CA THR A 155 -1.87 -6.08 20.90
C THR A 155 -2.97 -5.45 21.74
N ASN A 156 -3.38 -6.21 22.76
CA ASN A 156 -4.45 -5.83 23.69
C ASN A 156 -3.88 -5.65 25.09
N CYS B 42 -0.08 -5.90 -23.79
CA CYS B 42 -0.61 -5.68 -22.45
C CYS B 42 0.44 -4.94 -21.63
N PRO B 43 0.32 -3.61 -21.53
CA PRO B 43 1.32 -2.82 -20.82
C PRO B 43 1.20 -2.86 -19.31
N LEU B 44 0.08 -3.33 -18.76
CA LEU B 44 -0.13 -3.31 -17.32
C LEU B 44 -0.95 -4.54 -16.96
N MET B 45 -0.38 -5.38 -16.09
CA MET B 45 -1.02 -6.59 -15.62
C MET B 45 -0.83 -6.68 -14.11
N VAL B 46 -1.73 -7.40 -13.46
CA VAL B 46 -1.66 -7.53 -12.00
C VAL B 46 -1.71 -9.02 -11.66
N LYS B 47 -0.86 -9.43 -10.72
CA LYS B 47 -0.86 -10.81 -10.26
C LYS B 47 -0.99 -10.84 -8.73
N VAL B 48 -1.89 -11.67 -8.23
CA VAL B 48 -2.17 -11.72 -6.80
C VAL B 48 -2.07 -13.16 -6.32
N LEU B 49 -1.31 -13.37 -5.25
CA LEU B 49 -1.15 -14.68 -4.66
C LEU B 49 -1.59 -14.63 -3.20
N ASP B 50 -1.90 -15.82 -2.67
CA ASP B 50 -2.43 -16.03 -1.33
C ASP B 50 -1.41 -16.81 -0.53
N ALA B 51 -0.86 -16.18 0.52
CA ALA B 51 0.20 -16.78 1.32
C ALA B 51 -0.33 -17.73 2.40
N VAL B 52 -1.63 -17.75 2.66
CA VAL B 52 -2.21 -18.70 3.61
C VAL B 52 -2.50 -20.02 2.92
N ARG B 53 -3.02 -20.00 1.70
CA ARG B 53 -3.38 -21.23 1.00
C ARG B 53 -2.34 -21.66 -0.02
N GLY B 54 -1.36 -20.82 -0.31
CA GLY B 54 -0.33 -21.19 -1.27
C GLY B 54 -0.88 -21.37 -2.67
N SER B 55 -1.58 -20.36 -3.17
CA SER B 55 -2.34 -20.50 -4.39
C SER B 55 -2.49 -19.13 -5.02
N PRO B 56 -2.92 -19.06 -6.27
CA PRO B 56 -3.36 -17.77 -6.80
C PRO B 56 -4.54 -17.27 -5.99
N ALA B 57 -4.63 -15.95 -5.86
CA ALA B 57 -5.78 -15.33 -5.20
C ALA B 57 -6.80 -15.05 -6.30
N ILE B 58 -7.89 -15.83 -6.29
CA ILE B 58 -8.86 -15.83 -7.38
C ILE B 58 -10.01 -14.90 -7.00
N ASN B 59 -10.57 -14.24 -8.01
CA ASN B 59 -11.76 -13.40 -7.86
C ASN B 59 -11.50 -12.22 -6.92
N VAL B 60 -10.27 -11.72 -6.94
CA VAL B 60 -9.92 -10.52 -6.20
C VAL B 60 -10.24 -9.31 -7.06
N ALA B 61 -11.11 -8.44 -6.57
CA ALA B 61 -11.48 -7.25 -7.31
C ALA B 61 -10.46 -6.14 -7.08
N MET B 62 -10.24 -5.33 -8.11
CA MET B 62 -9.37 -4.17 -7.97
C MET B 62 -9.81 -3.09 -8.94
N HIS B 63 -9.47 -1.85 -8.59
CA HIS B 63 -9.71 -0.71 -9.45
C HIS B 63 -8.38 0.02 -9.66
N VAL B 64 -8.15 0.48 -10.88
CA VAL B 64 -6.96 1.27 -11.21
C VAL B 64 -7.41 2.71 -11.42
N PHE B 65 -6.67 3.64 -10.83
CA PHE B 65 -6.97 5.07 -10.90
C PHE B 65 -5.77 5.80 -11.47
N ARG B 66 -6.03 6.94 -12.10
CA ARG B 66 -4.97 7.79 -12.62
C ARG B 66 -5.12 9.15 -11.96
N LYS B 67 -4.01 9.69 -11.47
CA LYS B 67 -4.05 10.95 -10.74
C LYS B 67 -4.35 12.08 -11.70
N ALA B 68 -5.33 12.92 -11.34
CA ALA B 68 -5.72 14.05 -12.17
C ALA B 68 -4.95 15.31 -11.76
N ALA B 69 -5.11 16.35 -12.58
CA ALA B 69 -4.40 17.60 -12.33
C ALA B 69 -4.82 18.23 -11.00
N ASP B 70 -6.06 18.01 -10.58
CA ASP B 70 -6.53 18.49 -9.28
C ASP B 70 -6.26 17.52 -8.14
N ASP B 71 -5.34 16.57 -8.33
CA ASP B 71 -4.90 15.61 -7.32
C ASP B 71 -5.97 14.61 -6.91
N THR B 72 -7.09 14.53 -7.62
CA THR B 72 -8.09 13.51 -7.39
C THR B 72 -7.78 12.27 -8.23
N TRP B 73 -8.33 11.13 -7.80
CA TRP B 73 -8.09 9.86 -8.46
C TRP B 73 -9.24 9.56 -9.41
N GLU B 74 -8.98 9.69 -10.72
CA GLU B 74 -9.99 9.37 -11.73
C GLU B 74 -10.01 7.86 -11.97
N PRO B 75 -11.17 7.22 -11.92
CA PRO B 75 -11.24 5.80 -12.29
C PRO B 75 -10.71 5.59 -13.70
N PHE B 76 -9.90 4.56 -13.86
CA PHE B 76 -9.20 4.27 -15.10
C PHE B 76 -9.56 2.90 -15.66
N ALA B 77 -9.51 1.86 -14.82
CA ALA B 77 -9.85 0.50 -15.24
C ALA B 77 -10.10 -0.34 -13.98
N SER B 78 -10.70 -1.50 -14.17
CA SER B 78 -10.96 -2.39 -13.04
C SER B 78 -11.21 -3.80 -13.57
N GLY B 79 -11.20 -4.76 -12.63
CA GLY B 79 -11.41 -6.15 -12.99
C GLY B 79 -11.26 -7.02 -11.75
N LYS B 80 -11.42 -8.32 -11.96
CA LYS B 80 -11.20 -9.33 -10.92
C LYS B 80 -10.18 -10.33 -11.42
N THR B 81 -9.33 -10.83 -10.51
CA THR B 81 -8.31 -11.79 -10.93
C THR B 81 -8.93 -13.11 -11.39
N SER B 82 -8.25 -13.74 -12.34
CA SER B 82 -8.65 -15.02 -12.90
C SER B 82 -8.26 -16.16 -11.97
N GLU B 83 -8.54 -17.39 -12.44
CA GLU B 83 -8.14 -18.59 -11.71
C GLU B 83 -6.63 -18.67 -11.53
N SER B 84 -5.86 -17.94 -12.35
CA SER B 84 -4.41 -17.88 -12.19
C SER B 84 -3.97 -16.71 -11.32
N GLY B 85 -4.91 -16.00 -10.69
CA GLY B 85 -4.58 -14.84 -9.90
C GLY B 85 -4.17 -13.63 -10.71
N GLU B 86 -4.45 -13.63 -12.01
CA GLU B 86 -3.98 -12.57 -12.88
C GLU B 86 -5.14 -11.74 -13.41
N LEU B 87 -4.85 -10.49 -13.73
CA LEU B 87 -5.80 -9.60 -14.40
C LEU B 87 -5.07 -8.92 -15.54
N HIS B 88 -5.50 -9.21 -16.77
CA HIS B 88 -4.94 -8.69 -18.01
C HIS B 88 -5.95 -7.76 -18.68
N GLY B 89 -5.49 -7.09 -19.74
CA GLY B 89 -6.38 -6.29 -20.56
C GLY B 89 -6.94 -5.04 -19.90
N LEU B 90 -6.22 -4.48 -18.92
CA LEU B 90 -6.71 -3.30 -18.22
C LEU B 90 -6.64 -2.05 -19.10
N THR B 91 -5.59 -1.93 -19.90
CA THR B 91 -5.36 -0.71 -20.67
C THR B 91 -4.66 -1.10 -21.96
N THR B 92 -4.32 -0.10 -22.76
CA THR B 92 -3.61 -0.30 -24.02
C THR B 92 -2.37 0.58 -24.04
N GLU B 93 -1.47 0.28 -24.97
CA GLU B 93 -0.25 1.08 -25.12
C GLU B 93 -0.58 2.55 -25.30
N GLU B 94 -1.57 2.86 -26.13
CA GLU B 94 -1.90 4.24 -26.45
C GLU B 94 -2.39 5.02 -25.22
N GLU B 95 -3.25 4.40 -24.42
CA GLU B 95 -3.83 5.19 -23.32
C GLU B 95 -3.00 5.16 -22.06
N PHE B 96 -2.09 4.21 -21.92
CA PHE B 96 -1.25 4.09 -20.72
C PHE B 96 -0.08 5.07 -20.83
N VAL B 97 -0.40 6.36 -20.64
CA VAL B 97 0.59 7.43 -20.73
C VAL B 97 1.28 7.66 -19.40
N GLU B 98 2.37 8.42 -19.42
CA GLU B 98 3.06 8.76 -18.18
C GLU B 98 2.09 9.44 -17.22
N GLY B 99 2.36 9.26 -15.94
CA GLY B 99 1.48 9.76 -14.91
C GLY B 99 1.58 8.88 -13.68
N ILE B 100 0.83 9.26 -12.66
CA ILE B 100 0.80 8.53 -11.41
C ILE B 100 -0.46 7.67 -11.41
N TYR B 101 -0.28 6.38 -11.11
CA TYR B 101 -1.37 5.42 -11.14
C TYR B 101 -1.49 4.76 -9.78
N LYS B 102 -2.73 4.44 -9.39
CA LYS B 102 -3.01 3.76 -8.14
C LYS B 102 -3.80 2.50 -8.43
N VAL B 103 -3.31 1.36 -7.96
CA VAL B 103 -4.06 0.12 -8.02
C VAL B 103 -4.58 -0.14 -6.62
N GLU B 104 -5.90 -0.23 -6.48
CA GLU B 104 -6.53 -0.48 -5.19
C GLU B 104 -7.12 -1.88 -5.23
N ILE B 105 -6.55 -2.79 -4.43
CA ILE B 105 -6.89 -4.20 -4.47
C ILE B 105 -7.79 -4.50 -3.28
N ASP B 106 -8.99 -5.03 -3.53
CA ASP B 106 -9.93 -5.28 -2.44
C ASP B 106 -9.59 -6.57 -1.69
N THR B 107 -8.53 -6.47 -0.90
CA THR B 107 -8.10 -7.62 -0.11
C THR B 107 -9.08 -7.95 1.01
N LYS B 108 -9.76 -6.94 1.53
CA LYS B 108 -10.68 -7.17 2.64
C LYS B 108 -11.80 -8.12 2.23
N SER B 109 -12.40 -7.90 1.04
CA SER B 109 -13.48 -8.78 0.57
C SER B 109 -12.98 -10.19 0.32
N TYR B 110 -11.74 -10.33 -0.14
CA TYR B 110 -11.13 -11.65 -0.36
C TYR B 110 -11.08 -12.45 0.94
N TRP B 111 -10.50 -11.87 2.00
CA TRP B 111 -10.37 -12.57 3.27
C TRP B 111 -11.75 -12.82 3.90
N LYS B 112 -12.65 -11.85 3.77
CA LYS B 112 -13.99 -12.05 4.33
C LYS B 112 -14.67 -13.25 3.69
N ALA B 113 -14.53 -13.41 2.37
CA ALA B 113 -15.10 -14.56 1.68
C ALA B 113 -14.47 -15.87 2.16
N LEU B 114 -13.25 -15.83 2.67
CA LEU B 114 -12.59 -17.01 3.21
C LEU B 114 -12.86 -17.21 4.70
N GLY B 115 -13.64 -16.33 5.33
CA GLY B 115 -13.89 -16.45 6.75
C GLY B 115 -12.71 -16.14 7.64
N ILE B 116 -11.80 -15.28 7.19
CA ILE B 116 -10.56 -14.97 7.89
C ILE B 116 -10.53 -13.47 8.13
N SER B 117 -10.27 -13.07 9.38
CA SER B 117 -10.36 -11.66 9.74
C SER B 117 -9.16 -10.91 9.20
N PRO B 118 -9.34 -9.90 8.34
CA PRO B 118 -8.19 -9.19 7.77
C PRO B 118 -7.84 -7.90 8.49
N PHE B 119 -6.62 -7.42 8.29
CA PHE B 119 -6.23 -6.15 8.91
C PHE B 119 -6.53 -4.95 8.02
N HIS B 120 -6.17 -5.04 6.75
CA HIS B 120 -6.24 -3.87 5.86
C HIS B 120 -7.61 -3.71 5.25
N GLU B 121 -7.95 -2.44 4.97
CA GLU B 121 -9.15 -2.14 4.19
C GLU B 121 -8.96 -2.55 2.73
N HIS B 122 -7.77 -2.33 2.20
CA HIS B 122 -7.40 -2.72 0.85
C HIS B 122 -5.88 -2.59 0.81
N ALA B 123 -5.31 -3.10 -0.27
CA ALA B 123 -3.89 -2.92 -0.56
C ALA B 123 -3.82 -1.95 -1.71
N GLU B 124 -3.05 -0.88 -1.54
CA GLU B 124 -2.93 0.16 -2.55
C GLU B 124 -1.50 0.18 -3.07
N VAL B 125 -1.34 0.23 -4.38
CA VAL B 125 -0.03 0.33 -5.01
C VAL B 125 -0.07 1.58 -5.88
N VAL B 126 0.76 2.56 -5.54
CA VAL B 126 0.80 3.84 -6.22
C VAL B 126 2.17 4.00 -6.83
N PHE B 127 2.23 4.26 -8.14
CA PHE B 127 3.50 4.34 -8.85
C PHE B 127 3.41 5.36 -9.98
N THR B 128 4.57 5.84 -10.42
CA THR B 128 4.65 6.66 -11.63
C THR B 128 5.03 5.77 -12.80
N ALA B 129 4.27 5.85 -13.88
CA ALA B 129 4.63 5.16 -15.11
C ALA B 129 5.44 6.13 -15.97
N ASN B 130 6.61 5.69 -16.42
CA ASN B 130 7.55 6.59 -17.08
C ASN B 130 8.08 5.99 -18.37
N ASP B 131 8.14 6.82 -19.41
CA ASP B 131 8.59 6.39 -20.72
C ASP B 131 10.11 6.35 -20.76
N SER B 132 10.67 5.17 -20.52
CA SER B 132 12.08 4.88 -20.72
C SER B 132 12.08 3.59 -21.53
N GLY B 133 11.99 3.73 -22.86
CA GLY B 133 11.86 2.60 -23.73
C GLY B 133 10.55 1.87 -23.54
N PRO B 134 10.31 0.83 -24.35
CA PRO B 134 9.08 0.03 -24.20
C PRO B 134 9.09 -0.71 -22.86
N ARG B 135 8.09 -0.41 -22.02
CA ARG B 135 8.00 -1.02 -20.70
C ARG B 135 6.66 -1.70 -20.49
N ARG B 136 6.70 -2.97 -20.08
CA ARG B 136 5.54 -3.71 -19.61
C ARG B 136 5.62 -3.79 -18.09
N TYR B 137 4.51 -3.49 -17.41
CA TYR B 137 4.46 -3.46 -15.95
C TYR B 137 3.63 -4.63 -15.43
N THR B 138 4.20 -5.43 -14.55
CA THR B 138 3.41 -6.35 -13.74
C THR B 138 3.46 -5.89 -12.30
N ILE B 139 2.29 -5.60 -11.74
CA ILE B 139 2.14 -5.26 -10.34
C ILE B 139 1.76 -6.56 -9.64
N ALA B 140 2.57 -7.01 -8.70
CA ALA B 140 2.27 -8.27 -8.00
C ALA B 140 2.07 -8.03 -6.52
N ALA B 141 1.15 -8.78 -5.92
CA ALA B 141 0.89 -8.68 -4.48
C ALA B 141 0.73 -10.07 -3.91
N LEU B 142 1.41 -10.32 -2.80
CA LEU B 142 1.29 -11.57 -2.05
C LEU B 142 0.59 -11.24 -0.75
N LEU B 143 -0.54 -11.90 -0.50
CA LEU B 143 -1.46 -11.45 0.55
C LEU B 143 -1.46 -12.42 1.73
N SER B 144 -1.41 -11.86 2.93
CA SER B 144 -1.73 -12.56 4.17
C SER B 144 -2.77 -11.73 4.92
N PRO B 145 -3.42 -12.31 5.92
CA PRO B 145 -4.51 -11.54 6.57
C PRO B 145 -4.04 -10.24 7.22
N TYR B 146 -2.86 -10.22 7.82
CA TYR B 146 -2.34 -9.06 8.52
C TYR B 146 -1.12 -8.44 7.83
N SER B 147 -0.85 -8.82 6.59
CA SER B 147 0.37 -8.38 5.95
C SER B 147 0.22 -8.58 4.45
N TYR B 148 0.90 -7.75 3.68
CA TYR B 148 1.06 -8.03 2.27
C TYR B 148 2.40 -7.51 1.77
N SER B 149 2.87 -8.14 0.71
CA SER B 149 4.07 -7.73 0.00
C SER B 149 3.68 -7.36 -1.42
N THR B 150 4.37 -6.38 -1.99
CA THR B 150 4.08 -6.02 -3.36
C THR B 150 5.39 -5.65 -4.06
N THR B 151 5.48 -6.04 -5.33
CA THR B 151 6.66 -5.74 -6.12
C THR B 151 6.19 -5.41 -7.52
N ALA B 152 7.11 -4.87 -8.31
CA ALA B 152 6.86 -4.61 -9.71
C ALA B 152 7.89 -5.35 -10.53
N VAL B 153 7.43 -5.91 -11.63
CA VAL B 153 8.31 -6.53 -12.61
C VAL B 153 8.13 -5.72 -13.88
N VAL B 154 9.13 -4.91 -14.21
CA VAL B 154 9.07 -3.95 -15.31
C VAL B 154 10.05 -4.43 -16.35
N THR B 155 9.56 -4.73 -17.56
CA THR B 155 10.40 -5.36 -18.58
C THR B 155 10.13 -4.70 -19.93
N ASN B 156 10.91 -5.12 -20.92
CA ASN B 156 10.84 -4.57 -22.27
C ASN B 156 10.13 -5.54 -23.22
CAA WGJ C . 9.63 -5.22 9.76
CAC WGJ C . 10.25 -6.42 9.89
CAD WGJ C . 9.73 -7.24 8.91
CAE WGJ C . 8.79 -6.49 8.28
CAF WGJ C . 11.25 -6.71 10.80
CAG WGJ C . 11.15 -6.27 12.16
CAH WGJ C . 12.32 -6.10 12.95
CAI WGJ C . 9.94 -5.98 12.75
CAJ WGJ C . 12.27 -5.63 14.27
CAK WGJ C . 9.85 -5.51 14.05
CAL WGJ C . 11.00 -5.33 14.79
CAQ WGJ C . 9.86 -8.52 8.48
CAR WGJ C . 9.10 -9.02 7.44
CAS WGJ C . 8.05 -6.94 7.27
CAT WGJ C . 8.17 -8.23 6.81
CAU WGJ C . 9.82 -3.90 10.52
CAV WGJ C . 9.75 -2.74 9.56
IAN WGJ C . 13.99 -5.35 15.47
IAP WGJ C . 7.98 -5.05 14.88
OAB WGJ C . 8.77 -5.27 8.82
OAM WGJ C . 12.29 -7.23 10.43
OAO WGJ C . 10.87 -4.88 16.07
CLW WGJ C . 6.87 -5.85 6.54
CLX WGJ C . 10.96 -9.69 9.13
CAA WGJ D . 7.33 -13.68 -6.57
CAC WGJ D . 6.44 -12.67 -6.59
CAD WGJ D . 6.24 -12.33 -5.28
CAE WGJ D . 7.00 -13.18 -4.55
CAF WGJ D . 5.88 -12.05 -7.69
CAG WGJ D . 5.51 -12.80 -8.84
CAH WGJ D . 5.50 -12.20 -10.09
CAI WGJ D . 5.13 -14.14 -8.75
CAJ WGJ D . 5.18 -12.93 -11.25
CAK WGJ D . 4.81 -14.89 -9.88
CAL WGJ D . 4.83 -14.26 -11.12
CAQ WGJ D . 5.50 -11.43 -4.58
CAR WGJ D . 5.55 -11.39 -3.19
CAS WGJ D . 7.05 -13.17 -3.22
CAT WGJ D . 6.33 -12.27 -2.48
CAU WGJ D . 7.97 -14.47 -7.71
CAV WGJ D . 9.44 -14.68 -7.40
IAN WGJ D . 5.17 -12.04 -13.18
IAP WGJ D . 4.32 -16.88 -9.63
OAB WGJ D . 7.64 -13.97 -5.34
OAM WGJ D . 5.90 -10.84 -7.79
OAO WGJ D . 4.49 -14.98 -12.24
CLW WGJ D . 8.06 -14.31 -2.44
CLX WGJ D . 4.46 -10.26 -5.28
#